data_5TWU
#
_entry.id   5TWU
#
_cell.length_a   65.126
_cell.length_b   78.599
_cell.length_c   79.110
_cell.angle_alpha   90.000
_cell.angle_beta   110.600
_cell.angle_gamma   90.000
#
_symmetry.space_group_name_H-M   'P 1 21 1'
#
loop_
_entity.id
_entity.type
_entity.pdbx_description
1 polymer 'Maternal embryonic leucine zipper kinase'
2 water water
#
_entity_poly.entity_id   1
_entity_poly.type   'polypeptide(L)'
_entity_poly.pdbx_seq_one_letter_code
;GSGSMKDYDELLKYYELHETIGTGGFAKVKLACHILTGEMVAIKIMDKNTLGSDLPRIKTEIEALKNLRHQHICQLYHVL
ETANKIFMVLEYCPGGELFDYIISQDRLSEEETRVVFRQIVSAVAYVHSQGYAHRDLKPENLLFDEYHKLKLIDFGLCAK
PKGNKDYHLQTCCGSLAYAAPELIQGKSYLGSEADVWSMGILLYVLMCGFLPFDDDNVMALYKKIMRGKYDVPKWLSPSS
ILLLQQMLQVDPKKRISMKNLLNHPWIMQDYNYPVEWQSKNPFIHLDDDCVTELSVHHRNNRQTMEDLISLWQYDHLTAT
YLLLLAKKARGKPVRLRLSSFSCG
;
_entity_poly.pdbx_strand_id   A,B
#
# COMPACT_ATOMS: atom_id res chain seq x y z
N SER A 2 7.19 10.06 -16.28
CA SER A 2 8.30 9.14 -16.09
C SER A 2 7.85 7.82 -15.46
N GLY A 3 7.75 6.79 -16.28
CA GLY A 3 7.41 5.45 -15.86
C GLY A 3 8.61 4.55 -16.10
N SER A 4 9.76 5.20 -16.23
CA SER A 4 11.02 4.56 -16.62
C SER A 4 11.43 3.39 -15.73
N MET A 5 11.93 2.33 -16.37
CA MET A 5 12.41 1.12 -15.69
C MET A 5 13.92 1.11 -15.45
N LYS A 6 14.63 2.05 -16.07
CA LYS A 6 16.08 2.17 -15.90
C LYS A 6 16.35 2.52 -14.43
N ASP A 7 15.37 3.17 -13.80
CA ASP A 7 15.44 3.55 -12.40
C ASP A 7 15.77 2.40 -11.46
N TYR A 8 15.38 1.18 -11.84
CA TYR A 8 15.52 0.01 -10.98
C TYR A 8 16.88 -0.69 -11.14
N ASP A 9 17.71 -0.18 -12.05
CA ASP A 9 18.96 -0.86 -12.43
C ASP A 9 19.90 -1.13 -11.26
N GLU A 10 20.29 -0.08 -10.52
CA GLU A 10 21.18 -0.27 -9.40
C GLU A 10 20.56 -1.13 -8.30
N LEU A 11 19.26 -0.99 -8.11
CA LEU A 11 18.58 -1.75 -7.07
C LEU A 11 18.61 -3.25 -7.32
N LEU A 12 18.34 -3.63 -8.57
CA LEU A 12 18.18 -5.03 -8.92
C LEU A 12 19.51 -5.78 -8.85
N LYS A 13 20.61 -5.03 -8.79
CA LYS A 13 21.95 -5.53 -8.43
C LYS A 13 22.00 -6.21 -7.06
N TYR A 14 21.37 -5.58 -6.06
CA TYR A 14 21.56 -6.00 -4.68
C TYR A 14 20.32 -6.72 -4.21
N TYR A 15 19.20 -6.43 -4.88
CA TYR A 15 17.92 -6.96 -4.45
C TYR A 15 17.10 -7.53 -5.61
N GLU A 16 16.37 -8.61 -5.37
CA GLU A 16 15.36 -9.05 -6.31
C GLU A 16 13.95 -8.74 -5.79
N LEU A 17 13.26 -7.87 -6.51
CA LEU A 17 11.90 -7.42 -6.17
C LEU A 17 10.87 -8.53 -6.21
N HIS A 18 9.79 -8.30 -5.50
CA HIS A 18 8.65 -9.19 -5.43
C HIS A 18 7.43 -8.26 -5.43
N GLU A 19 6.27 -8.78 -5.04
CA GLU A 19 5.01 -8.04 -5.15
C GLU A 19 4.93 -6.83 -4.25
N THR A 20 4.16 -5.84 -4.68
CA THR A 20 3.78 -4.72 -3.82
C THR A 20 3.04 -5.26 -2.60
N ILE A 21 3.38 -4.77 -1.42
CA ILE A 21 2.64 -5.09 -0.19
C ILE A 21 2.15 -3.81 0.42
N GLY A 22 2.59 -2.69 -0.14
CA GLY A 22 2.24 -1.37 0.34
C GLY A 22 2.38 -0.30 -0.74
N ALA A 27 4.00 6.54 -3.22
CA ALA A 27 5.00 5.93 -2.33
C ALA A 27 4.67 4.46 -2.13
N LYS A 28 5.13 3.66 -3.07
CA LYS A 28 4.85 2.22 -3.14
C LYS A 28 5.85 1.36 -2.38
N VAL A 29 5.38 0.25 -1.83
CA VAL A 29 6.28 -0.67 -1.12
C VAL A 29 6.29 -2.08 -1.68
N LYS A 30 7.45 -2.47 -2.18
CA LYS A 30 7.60 -3.84 -2.69
C LYS A 30 8.46 -4.65 -1.71
N LEU A 31 8.07 -5.90 -1.51
CA LEU A 31 8.87 -6.89 -0.81
C LEU A 31 10.09 -7.24 -1.65
N ALA A 32 11.22 -7.56 -1.01
CA ALA A 32 12.44 -7.91 -1.75
C ALA A 32 13.32 -8.88 -0.98
N CYS A 33 14.22 -9.53 -1.72
CA CYS A 33 15.26 -10.34 -1.11
C CYS A 33 16.60 -9.65 -1.34
N HIS A 34 17.37 -9.51 -0.27
CA HIS A 34 18.76 -9.05 -0.34
C HIS A 34 19.59 -10.23 -0.79
N ILE A 35 20.23 -10.08 -1.95
CA ILE A 35 20.89 -11.18 -2.63
C ILE A 35 22.05 -11.83 -1.85
N LEU A 36 22.95 -11.02 -1.29
CA LEU A 36 24.10 -11.58 -0.57
C LEU A 36 23.71 -12.37 0.67
N THR A 37 22.66 -11.93 1.36
CA THR A 37 22.28 -12.55 2.63
C THR A 37 21.07 -13.46 2.49
N GLY A 38 20.26 -13.20 1.47
CA GLY A 38 19.02 -13.94 1.28
C GLY A 38 17.88 -13.47 2.18
N GLU A 39 18.17 -12.48 3.02
CA GLU A 39 17.19 -11.96 3.97
C GLU A 39 16.11 -11.15 3.28
N MET A 40 14.89 -11.20 3.81
CA MET A 40 13.78 -10.45 3.24
C MET A 40 13.77 -9.03 3.78
N VAL A 41 13.41 -8.09 2.91
CA VAL A 41 13.42 -6.68 3.24
C VAL A 41 12.21 -6.02 2.59
N ALA A 42 11.92 -4.78 2.97
CA ALA A 42 10.87 -4.05 2.28
C ALA A 42 11.46 -2.81 1.68
N ILE A 43 11.19 -2.58 0.40
CA ILE A 43 11.78 -1.45 -0.28
C ILE A 43 10.68 -0.45 -0.59
N LYS A 44 10.85 0.74 -0.04
CA LYS A 44 9.93 1.84 -0.19
C LYS A 44 10.37 2.66 -1.38
N ILE A 45 9.49 2.82 -2.36
CA ILE A 45 9.86 3.47 -3.61
C ILE A 45 9.23 4.85 -3.76
N MET A 46 10.07 5.87 -3.88
CA MET A 46 9.59 7.23 -4.04
C MET A 46 9.94 7.75 -5.42
N ASP A 47 8.98 8.42 -6.05
CA ASP A 47 9.23 9.08 -7.33
C ASP A 47 9.51 10.56 -7.03
N LYS A 48 10.64 11.10 -7.49
CA LYS A 48 11.09 12.44 -7.07
C LYS A 48 10.22 13.57 -7.65
N ASN A 49 9.81 13.46 -8.91
CA ASN A 49 8.88 14.42 -9.47
C ASN A 49 7.55 14.44 -8.66
N THR A 50 7.18 13.29 -8.10
CA THR A 50 6.01 13.16 -7.21
C THR A 50 6.36 13.26 -5.71
N LEU A 55 8.06 15.14 -1.47
CA LEU A 55 7.92 15.77 -0.15
C LEU A 55 9.28 15.79 0.57
N PRO A 56 9.49 16.78 1.46
CA PRO A 56 10.63 16.83 2.39
C PRO A 56 10.39 15.99 3.65
N ARG A 57 9.17 15.46 3.77
CA ARG A 57 8.84 14.49 4.82
C ARG A 57 9.79 13.30 4.77
N ILE A 58 10.11 12.89 3.54
CA ILE A 58 10.96 11.73 3.29
C ILE A 58 12.40 11.96 3.75
N LYS A 59 12.96 13.12 3.43
CA LYS A 59 14.31 13.45 3.86
C LYS A 59 14.37 13.46 5.40
N THR A 60 13.29 13.88 6.02
CA THR A 60 13.20 13.88 7.49
C THR A 60 13.22 12.46 8.06
N GLU A 61 12.35 11.57 7.58
CA GLU A 61 12.36 10.18 8.01
C GLU A 61 13.78 9.57 7.85
N ILE A 62 14.40 9.81 6.69
CA ILE A 62 15.71 9.28 6.39
C ILE A 62 16.81 9.72 7.37
N GLU A 63 16.88 11.01 7.68
CA GLU A 63 17.97 11.45 8.55
C GLU A 63 17.75 10.98 9.98
N ALA A 64 16.49 10.89 10.38
CA ALA A 64 16.13 10.32 11.68
C ALA A 64 16.53 8.85 11.78
N LEU A 65 16.06 8.03 10.83
CA LEU A 65 16.35 6.60 10.85
C LEU A 65 17.85 6.26 10.71
N LYS A 66 18.64 7.15 10.10
CA LYS A 66 20.10 6.95 10.05
C LYS A 66 20.72 7.08 11.45
N ASN A 67 20.04 7.80 12.34
CA ASN A 67 20.61 8.04 13.66
C ASN A 67 19.96 7.22 14.77
N LEU A 68 18.80 6.66 14.47
CA LEU A 68 18.09 5.84 15.44
C LEU A 68 18.29 4.38 15.08
N ARG A 69 18.56 3.57 16.10
CA ARG A 69 18.81 2.16 15.94
C ARG A 69 18.39 1.44 17.23
N HIS A 70 17.37 0.60 17.12
CA HIS A 70 16.71 0.08 18.30
C HIS A 70 15.81 -1.10 17.93
N GLN A 71 15.69 -2.06 18.83
CA GLN A 71 14.96 -3.31 18.61
C GLN A 71 13.44 -3.13 18.42
N HIS A 72 12.93 -1.92 18.64
CA HIS A 72 11.50 -1.65 18.48
C HIS A 72 11.28 -0.50 17.51
N ILE A 73 12.35 -0.14 16.80
CA ILE A 73 12.24 0.77 15.67
C ILE A 73 12.56 0.05 14.37
N CYS A 74 11.62 0.13 13.43
CA CYS A 74 11.82 -0.48 12.12
C CYS A 74 13.10 0.06 11.47
N GLN A 75 14.02 -0.85 11.19
CA GLN A 75 15.40 -0.50 10.85
C GLN A 75 15.60 -0.14 9.36
N LEU A 76 16.30 0.97 9.14
CA LEU A 76 16.72 1.39 7.81
C LEU A 76 18.01 0.66 7.43
N TYR A 77 18.00 -0.14 6.37
CA TYR A 77 19.21 -0.84 5.98
C TYR A 77 20.05 -0.12 4.91
N HIS A 78 19.36 0.55 4.00
CA HIS A 78 19.99 0.93 2.74
C HIS A 78 19.17 2.06 2.09
N VAL A 79 19.83 3.16 1.78
CA VAL A 79 19.22 4.23 0.99
C VAL A 79 19.87 4.36 -0.37
N LEU A 80 19.05 4.26 -1.40
CA LEU A 80 19.50 4.29 -2.79
C LEU A 80 18.79 5.41 -3.59
N GLU A 81 19.55 6.42 -4.00
CA GLU A 81 18.96 7.52 -4.78
C GLU A 81 19.38 7.52 -6.27
N THR A 82 18.40 7.64 -7.16
CA THR A 82 18.66 7.72 -8.61
C THR A 82 18.02 8.99 -9.16
N ALA A 83 18.23 9.26 -10.44
CA ALA A 83 17.74 10.49 -11.09
C ALA A 83 16.26 10.79 -10.82
N ASN A 84 15.44 9.75 -10.84
CA ASN A 84 14.01 9.95 -10.65
C ASN A 84 13.47 9.32 -9.38
N LYS A 85 14.25 8.49 -8.72
CA LYS A 85 13.70 7.74 -7.58
C LYS A 85 14.60 7.66 -6.34
N ILE A 86 13.94 7.56 -5.18
CA ILE A 86 14.59 7.23 -3.93
C ILE A 86 14.13 5.86 -3.46
N PHE A 87 15.09 5.00 -3.15
CA PHE A 87 14.77 3.70 -2.57
C PHE A 87 15.16 3.67 -1.08
N MET A 88 14.28 3.11 -0.24
CA MET A 88 14.60 2.91 1.15
C MET A 88 14.43 1.45 1.55
N VAL A 89 15.51 0.78 1.92
CA VAL A 89 15.38 -0.62 2.33
C VAL A 89 15.14 -0.75 3.86
N LEU A 90 14.03 -1.41 4.22
CA LEU A 90 13.53 -1.42 5.58
C LEU A 90 13.29 -2.82 6.14
N GLU A 91 13.29 -2.92 7.47
CA GLU A 91 13.06 -4.19 8.12
C GLU A 91 11.67 -4.65 7.71
N TYR A 92 11.56 -5.95 7.45
CA TYR A 92 10.33 -6.47 6.92
C TYR A 92 9.41 -6.90 8.07
N CYS A 93 8.19 -6.39 8.08
CA CYS A 93 7.26 -6.66 9.18
C CYS A 93 6.00 -7.36 8.70
N PRO A 94 6.04 -8.70 8.62
CA PRO A 94 4.92 -9.50 8.11
C PRO A 94 3.69 -9.50 9.02
N GLY A 95 3.87 -9.16 10.29
CA GLY A 95 2.80 -9.27 11.27
C GLY A 95 1.70 -8.24 11.16
N GLY A 96 1.92 -7.19 10.37
CA GLY A 96 0.90 -6.16 10.20
C GLY A 96 0.85 -5.03 11.23
N GLU A 97 -0.10 -4.12 11.02
CA GLU A 97 -0.36 -2.99 11.91
C GLU A 97 -0.98 -3.43 13.22
N LEU A 98 -0.52 -2.81 14.31
CA LEU A 98 -1.16 -2.94 15.60
C LEU A 98 -2.65 -2.58 15.50
N PHE A 99 -2.97 -1.57 14.71
CA PHE A 99 -4.36 -1.19 14.51
C PHE A 99 -5.24 -2.37 14.06
N ASP A 100 -4.81 -3.09 13.02
CA ASP A 100 -5.58 -4.20 12.50
C ASP A 100 -5.73 -5.32 13.49
N TYR A 101 -4.69 -5.56 14.28
CA TYR A 101 -4.73 -6.59 15.32
C TYR A 101 -5.72 -6.22 16.44
N ILE A 102 -5.85 -4.94 16.74
CA ILE A 102 -6.81 -4.53 17.75
C ILE A 102 -8.22 -4.80 17.28
N ILE A 103 -8.51 -4.35 16.06
CA ILE A 103 -9.81 -4.60 15.44
C ILE A 103 -10.15 -6.10 15.44
N SER A 104 -9.18 -6.92 15.05
CA SER A 104 -9.35 -8.37 15.01
C SER A 104 -9.59 -9.00 16.39
N GLN A 105 -9.18 -8.30 17.43
CA GLN A 105 -9.29 -8.85 18.78
C GLN A 105 -10.41 -8.17 19.55
N ASP A 106 -10.97 -7.14 18.95
CA ASP A 106 -11.95 -6.25 19.57
C ASP A 106 -11.33 -5.40 20.63
N ARG A 107 -10.80 -6.02 21.65
CA ARG A 107 -9.92 -5.34 22.60
C ARG A 107 -8.99 -6.30 23.35
N LEU A 108 -7.87 -5.76 23.80
CA LEU A 108 -6.82 -6.55 24.44
C LEU A 108 -7.01 -6.61 25.95
N SER A 109 -6.70 -7.77 26.54
CA SER A 109 -6.68 -7.90 27.99
C SER A 109 -5.65 -6.94 28.56
N GLU A 110 -5.71 -6.70 29.86
CA GLU A 110 -4.76 -5.80 30.48
C GLU A 110 -3.36 -6.39 30.41
N GLU A 111 -3.28 -7.70 30.53
CA GLU A 111 -1.99 -8.38 30.46
C GLU A 111 -1.40 -8.25 29.06
N GLU A 112 -2.20 -8.53 28.04
CA GLU A 112 -1.76 -8.41 26.64
C GLU A 112 -1.34 -6.97 26.34
N THR A 113 -2.16 -6.02 26.77
CA THR A 113 -1.87 -4.60 26.60
C THR A 113 -0.48 -4.25 27.16
N ARG A 114 -0.18 -4.75 28.35
CA ARG A 114 1.08 -4.44 29.02
C ARG A 114 2.26 -4.98 28.21
N VAL A 115 2.09 -6.20 27.69
CA VAL A 115 3.11 -6.81 26.83
C VAL A 115 3.43 -5.93 25.65
N VAL A 116 2.39 -5.48 24.97
CA VAL A 116 2.54 -4.61 23.81
C VAL A 116 3.03 -3.21 24.23
N PHE A 117 2.44 -2.69 25.30
CA PHE A 117 2.66 -1.30 25.70
C PHE A 117 4.07 -1.04 26.24
N ARG A 118 4.67 -2.03 26.89
CA ARG A 118 6.05 -1.94 27.33
C ARG A 118 7.00 -1.77 26.14
N GLN A 119 6.66 -2.37 25.00
CA GLN A 119 7.49 -2.22 23.79
C GLN A 119 7.37 -0.81 23.20
N ILE A 120 6.13 -0.30 23.12
CA ILE A 120 5.94 1.06 22.66
C ILE A 120 6.75 2.03 23.54
N VAL A 121 6.74 1.78 24.85
CA VAL A 121 7.45 2.64 25.80
C VAL A 121 8.95 2.56 25.60
N SER A 122 9.43 1.35 25.35
CA SER A 122 10.84 1.15 25.04
C SER A 122 11.27 2.01 23.86
N ALA A 123 10.55 1.87 22.75
CA ALA A 123 10.85 2.59 21.51
C ALA A 123 10.83 4.11 21.73
N VAL A 124 9.78 4.63 22.36
CA VAL A 124 9.62 6.07 22.48
C VAL A 124 10.61 6.66 23.48
N ALA A 125 10.93 5.91 24.53
CA ALA A 125 11.91 6.38 25.48
C ALA A 125 13.25 6.54 24.78
N TYR A 126 13.60 5.53 23.98
CA TYR A 126 14.84 5.59 23.23
C TYR A 126 14.82 6.78 22.29
N VAL A 127 13.67 7.00 21.65
CA VAL A 127 13.53 8.11 20.71
C VAL A 127 13.80 9.42 21.45
N HIS A 128 13.09 9.65 22.53
CA HIS A 128 13.34 10.85 23.34
C HIS A 128 14.79 10.98 23.80
N SER A 129 15.40 9.86 24.19
CA SER A 129 16.80 9.83 24.65
C SER A 129 17.81 10.22 23.57
N GLN A 130 17.41 10.17 22.31
CA GLN A 130 18.27 10.58 21.21
C GLN A 130 17.92 12.00 20.78
N GLY A 131 17.15 12.69 21.63
CA GLY A 131 16.77 14.09 21.41
C GLY A 131 15.63 14.34 20.44
N TYR A 132 14.81 13.32 20.18
CA TYR A 132 13.71 13.38 19.23
C TYR A 132 12.31 13.27 19.82
N ALA A 133 11.32 13.74 19.05
CA ALA A 133 9.91 13.47 19.28
C ALA A 133 9.27 12.94 18.01
N HIS A 134 8.56 11.82 18.10
CA HIS A 134 7.97 11.15 16.95
C HIS A 134 6.82 11.94 16.29
N ARG A 135 5.92 12.42 17.15
CA ARG A 135 4.81 13.32 16.81
C ARG A 135 3.66 12.70 16.01
N ASP A 136 3.70 11.39 15.77
CA ASP A 136 2.61 10.76 15.03
C ASP A 136 2.41 9.31 15.49
N LEU A 137 2.47 9.13 16.81
CA LEU A 137 2.23 7.84 17.39
C LEU A 137 0.75 7.50 17.29
N LYS A 138 0.49 6.33 16.71
CA LYS A 138 -0.86 5.83 16.53
C LYS A 138 -0.66 4.38 16.13
N PRO A 139 -1.68 3.52 16.32
CA PRO A 139 -1.49 2.07 16.14
C PRO A 139 -1.29 1.64 14.66
N GLU A 140 -1.48 2.57 13.72
CA GLU A 140 -1.19 2.29 12.32
C GLU A 140 0.32 2.38 12.08
N ASN A 141 1.02 3.10 12.95
CA ASN A 141 2.45 3.31 12.83
C ASN A 141 3.25 2.37 13.71
N LEU A 142 2.60 1.31 14.13
CA LEU A 142 3.28 0.24 14.86
C LEU A 142 3.10 -1.08 14.11
N LEU A 143 4.19 -1.80 13.85
CA LEU A 143 4.05 -3.05 13.10
C LEU A 143 4.62 -4.19 13.88
N PHE A 144 4.02 -5.36 13.68
CA PHE A 144 4.51 -6.61 14.23
C PHE A 144 5.47 -7.23 13.22
N ASP A 145 6.57 -7.74 13.73
CA ASP A 145 7.48 -8.51 12.91
C ASP A 145 7.12 -10.00 13.02
N GLU A 146 7.99 -10.88 12.55
CA GLU A 146 7.71 -12.32 12.59
C GLU A 146 7.64 -12.87 14.02
N TYR A 147 8.36 -12.25 14.96
CA TYR A 147 8.40 -12.75 16.33
C TYR A 147 7.31 -12.15 17.20
N HIS A 148 6.36 -11.52 16.53
CA HIS A 148 5.26 -10.75 17.11
C HIS A 148 5.81 -9.64 18.06
N LYS A 149 6.94 -9.05 17.65
CA LYS A 149 7.49 -7.89 18.31
C LYS A 149 7.13 -6.61 17.53
N LEU A 150 6.90 -5.54 18.27
CA LEU A 150 6.46 -4.28 17.68
C LEU A 150 7.61 -3.46 17.09
N LYS A 151 7.35 -2.80 15.95
CA LYS A 151 8.35 -1.95 15.30
C LYS A 151 7.73 -0.61 15.01
N LEU A 152 8.38 0.44 15.45
CA LEU A 152 7.81 1.78 15.31
C LEU A 152 8.15 2.32 13.93
N ILE A 153 7.19 2.88 13.22
CA ILE A 153 7.51 3.40 11.87
C ILE A 153 7.04 4.82 11.62
N ASP A 154 7.31 5.31 10.42
CA ASP A 154 6.85 6.62 9.92
C ASP A 154 7.42 7.82 10.66
N PHE A 155 8.67 8.13 10.39
CA PHE A 155 9.33 9.25 11.06
C PHE A 155 9.26 10.54 10.23
N GLY A 156 8.22 10.63 9.41
CA GLY A 156 8.05 11.76 8.51
C GLY A 156 7.82 13.08 9.22
N LEU A 157 7.22 13.00 10.41
CA LEU A 157 6.86 14.20 11.16
C LEU A 157 7.73 14.42 12.39
N CYS A 158 8.71 13.56 12.61
CA CYS A 158 9.45 13.64 13.86
C CYS A 158 10.30 14.91 13.89
N ALA A 159 10.48 15.48 15.09
CA ALA A 159 11.29 16.69 15.25
C ALA A 159 12.20 16.67 16.47
N LYS A 160 13.18 17.59 16.44
CA LYS A 160 13.97 17.91 17.63
C LYS A 160 13.21 19.01 18.39
N PRO A 161 12.57 18.65 19.53
CA PRO A 161 11.86 19.67 20.32
C PRO A 161 12.77 20.83 20.71
N LYS A 162 13.96 20.51 21.22
CA LYS A 162 14.93 21.52 21.61
C LYS A 162 15.66 22.15 20.42
N GLY A 163 15.32 21.71 19.21
CA GLY A 163 16.03 22.14 18.02
C GLY A 163 15.39 23.28 17.22
N ASN A 164 15.83 23.43 15.97
CA ASN A 164 15.30 24.46 15.09
C ASN A 164 13.84 24.18 14.70
N LYS A 165 13.07 25.25 14.49
CA LYS A 165 11.65 25.16 14.13
C LYS A 165 11.44 24.88 12.64
N ASP A 166 10.27 24.33 12.33
CA ASP A 166 9.81 24.26 10.94
C ASP A 166 10.78 23.54 10.02
N GLY A 174 0.24 15.29 13.55
CA GLY A 174 -0.22 13.98 13.12
C GLY A 174 -1.72 13.93 12.83
N SER A 175 -2.35 12.83 13.23
CA SER A 175 -3.81 12.72 13.14
C SER A 175 -4.46 13.21 14.45
N LEU A 176 -5.66 13.75 14.35
CA LEU A 176 -6.26 14.55 15.42
C LEU A 176 -6.55 13.76 16.70
N ALA A 177 -7.14 12.58 16.52
CA ALA A 177 -7.53 11.72 17.61
C ALA A 177 -6.36 11.41 18.55
N TYR A 178 -5.14 11.55 18.03
CA TYR A 178 -3.95 11.20 18.79
C TYR A 178 -3.14 12.41 19.26
N ALA A 179 -3.57 13.59 18.86
CA ALA A 179 -2.83 14.81 19.14
C ALA A 179 -3.12 15.41 20.52
N ALA A 180 -2.07 15.83 21.20
CA ALA A 180 -2.19 16.45 22.51
C ALA A 180 -2.88 17.80 22.37
N PRO A 181 -3.61 18.23 23.42
CA PRO A 181 -4.36 19.50 23.41
C PRO A 181 -3.49 20.72 23.09
N GLU A 182 -2.24 20.67 23.53
CA GLU A 182 -1.27 21.74 23.27
C GLU A 182 -1.02 21.90 21.77
N LEU A 183 -0.99 20.79 21.03
CA LEU A 183 -0.71 20.82 19.60
C LEU A 183 -1.86 21.48 18.87
N ILE A 184 -3.03 21.43 19.48
CA ILE A 184 -4.23 22.00 18.88
C ILE A 184 -4.20 23.54 19.05
N GLN A 185 -3.54 24.08 20.07
CA GLN A 185 -3.41 25.53 20.15
C GLN A 185 -2.21 26.09 19.38
N GLY A 186 -1.00 25.68 19.73
CA GLY A 186 0.18 26.18 19.04
C GLY A 186 1.48 26.16 19.85
N LEU A 190 6.31 21.76 20.73
CA LEU A 190 6.59 22.19 22.09
C LEU A 190 7.48 21.20 22.83
N GLY A 191 7.16 19.90 22.75
CA GLY A 191 7.95 18.89 23.44
C GLY A 191 7.69 17.40 23.24
N SER A 192 8.42 16.61 24.02
CA SER A 192 8.29 15.16 24.07
C SER A 192 7.03 14.74 24.86
N GLU A 193 6.50 15.67 25.64
CA GLU A 193 5.31 15.44 26.44
C GLU A 193 4.07 15.16 25.60
N ALA A 194 4.03 15.65 24.36
CA ALA A 194 2.91 15.36 23.45
C ALA A 194 2.92 13.90 23.02
N ASP A 195 4.09 13.27 23.05
CA ASP A 195 4.18 11.86 22.73
C ASP A 195 3.58 11.03 23.86
N VAL A 196 3.80 11.46 25.10
CA VAL A 196 3.24 10.80 26.28
C VAL A 196 1.70 10.84 26.27
N TRP A 197 1.13 11.99 25.94
CA TRP A 197 -0.28 12.03 25.62
C TRP A 197 -0.69 10.96 24.56
N SER A 198 0.05 10.85 23.46
CA SER A 198 -0.34 9.92 22.40
C SER A 198 -0.25 8.51 22.89
N MET A 199 0.78 8.24 23.69
CA MET A 199 0.90 6.93 24.33
C MET A 199 -0.30 6.65 25.24
N GLY A 200 -0.89 7.70 25.84
CA GLY A 200 -2.10 7.53 26.62
C GLY A 200 -3.31 7.15 25.78
N ILE A 201 -3.46 7.80 24.64
CA ILE A 201 -4.51 7.46 23.69
C ILE A 201 -4.38 6.02 23.24
N LEU A 202 -3.14 5.63 22.90
CA LEU A 202 -2.80 4.28 22.49
C LEU A 202 -3.16 3.21 23.50
N LEU A 203 -2.80 3.45 24.77
CA LEU A 203 -3.09 2.55 25.88
C LEU A 203 -4.61 2.37 26.07
N TYR A 204 -5.36 3.46 25.96
CA TYR A 204 -6.81 3.40 26.07
C TYR A 204 -7.41 2.57 24.96
N VAL A 205 -6.96 2.81 23.72
CA VAL A 205 -7.44 2.07 22.55
C VAL A 205 -7.11 0.59 22.64
N LEU A 206 -5.88 0.30 23.06
CA LEU A 206 -5.49 -1.07 23.32
C LEU A 206 -6.50 -1.79 24.24
N MET A 207 -6.88 -1.14 25.33
CA MET A 207 -7.74 -1.79 26.33
C MET A 207 -9.25 -1.61 26.16
N CYS A 208 -9.67 -0.72 25.28
CA CYS A 208 -11.09 -0.45 25.14
C CYS A 208 -11.59 -0.79 23.74
N GLY A 209 -10.72 -0.64 22.74
CA GLY A 209 -11.08 -0.96 21.37
C GLY A 209 -11.76 0.21 20.65
N PHE A 210 -11.77 1.37 21.29
CA PHE A 210 -12.30 2.58 20.69
C PHE A 210 -11.53 3.74 21.28
N LEU A 211 -11.61 4.91 20.64
CA LEU A 211 -10.89 6.08 21.11
C LEU A 211 -11.57 6.65 22.36
N PRO A 212 -10.76 7.30 23.21
CA PRO A 212 -11.31 8.08 24.33
C PRO A 212 -12.01 9.35 23.85
N PHE A 213 -11.42 10.01 22.87
CA PHE A 213 -12.01 11.19 22.25
C PHE A 213 -12.31 10.88 20.79
N ASP A 214 -13.58 10.93 20.40
CA ASP A 214 -13.98 10.59 19.03
C ASP A 214 -15.38 11.14 18.71
N ASP A 215 -15.59 11.51 17.44
CA ASP A 215 -16.87 12.05 16.99
C ASP A 215 -16.89 12.23 15.48
N ASP A 216 -18.07 12.24 14.86
CA ASP A 216 -18.21 12.51 13.42
C ASP A 216 -17.72 13.91 13.08
N ASN A 217 -18.10 14.88 13.90
CA ASN A 217 -17.77 16.28 13.66
C ASN A 217 -16.40 16.61 14.21
N VAL A 218 -15.53 17.09 13.34
CA VAL A 218 -14.15 17.34 13.69
C VAL A 218 -14.00 18.48 14.67
N MET A 219 -14.91 19.45 14.61
CA MET A 219 -14.86 20.56 15.54
C MET A 219 -15.21 20.06 16.92
N ALA A 220 -16.15 19.14 16.97
CA ALA A 220 -16.53 18.56 18.24
C ALA A 220 -15.33 17.82 18.81
N LEU A 221 -14.60 17.14 17.93
CA LEU A 221 -13.44 16.33 18.32
C LEU A 221 -12.30 17.18 18.92
N TYR A 222 -12.02 18.34 18.32
CA TYR A 222 -11.03 19.27 18.88
C TYR A 222 -11.39 19.59 20.33
N LYS A 223 -12.67 19.87 20.51
CA LYS A 223 -13.23 20.32 21.77
C LYS A 223 -13.27 19.22 22.84
N LYS A 224 -13.62 17.99 22.46
CA LYS A 224 -13.59 16.89 23.41
C LYS A 224 -12.17 16.71 23.95
N ILE A 225 -11.21 16.71 23.03
CA ILE A 225 -9.80 16.56 23.37
C ILE A 225 -9.31 17.63 24.32
N MET A 226 -9.70 18.86 24.06
CA MET A 226 -9.21 19.97 24.86
C MET A 226 -9.87 19.98 26.22
N ARG A 227 -11.12 19.51 26.29
CA ARG A 227 -11.80 19.36 27.58
C ARG A 227 -11.16 18.25 28.41
N GLY A 228 -10.75 17.17 27.73
CA GLY A 228 -9.99 16.11 28.34
C GLY A 228 -10.77 15.03 29.04
N LYS A 229 -12.09 15.06 28.89
CA LYS A 229 -12.94 14.12 29.61
C LYS A 229 -13.26 12.93 28.72
N TYR A 230 -13.31 11.75 29.30
CA TYR A 230 -13.55 10.55 28.52
C TYR A 230 -14.18 9.47 29.36
N ASP A 231 -14.91 8.60 28.67
CA ASP A 231 -15.51 7.40 29.24
C ASP A 231 -14.48 6.48 29.92
N VAL A 232 -14.92 5.78 30.95
CA VAL A 232 -14.09 4.80 31.63
C VAL A 232 -14.85 3.51 31.71
N PRO A 233 -14.61 2.60 30.78
CA PRO A 233 -15.43 1.39 30.83
C PRO A 233 -15.18 0.53 32.06
N LYS A 234 -16.21 -0.18 32.49
CA LYS A 234 -16.20 -0.98 33.70
C LYS A 234 -15.12 -2.06 33.73
N TRP A 235 -14.67 -2.47 32.55
CA TRP A 235 -13.74 -3.59 32.49
C TRP A 235 -12.30 -3.10 32.75
N LEU A 236 -12.13 -1.79 32.84
CA LEU A 236 -10.86 -1.20 33.23
C LEU A 236 -10.59 -1.31 34.73
N SER A 237 -9.38 -1.73 35.07
CA SER A 237 -8.96 -1.82 36.45
C SER A 237 -8.57 -0.46 36.98
N PRO A 238 -8.68 -0.27 38.31
CA PRO A 238 -8.28 0.97 38.99
C PRO A 238 -6.85 1.38 38.66
N SER A 239 -5.95 0.39 38.60
CA SER A 239 -4.58 0.62 38.19
C SER A 239 -4.52 1.24 36.77
N SER A 240 -5.21 0.60 35.83
CA SER A 240 -5.27 1.14 34.47
C SER A 240 -5.83 2.54 34.46
N ILE A 241 -6.90 2.78 35.22
CA ILE A 241 -7.53 4.10 35.29
C ILE A 241 -6.52 5.12 35.79
N LEU A 242 -5.76 4.70 36.79
CA LEU A 242 -4.76 5.57 37.39
C LEU A 242 -3.70 5.99 36.41
N LEU A 243 -3.16 5.03 35.66
CA LEU A 243 -2.14 5.33 34.66
C LEU A 243 -2.69 6.23 33.54
N LEU A 244 -3.84 5.85 32.99
CA LEU A 244 -4.50 6.67 31.98
C LEU A 244 -4.62 8.13 32.46
N GLN A 245 -4.95 8.33 33.72
CA GLN A 245 -5.14 9.67 34.24
C GLN A 245 -3.84 10.46 34.26
N GLN A 246 -2.74 9.75 34.52
CA GLN A 246 -1.41 10.36 34.53
C GLN A 246 -0.86 10.73 33.13
N MET A 247 -1.29 9.98 32.10
CA MET A 247 -0.81 10.24 30.76
C MET A 247 -1.71 11.25 30.06
N LEU A 248 -3.01 11.20 30.38
CA LEU A 248 -3.98 12.06 29.70
C LEU A 248 -4.32 13.31 30.53
N GLN A 249 -3.27 14.03 30.91
CA GLN A 249 -3.40 15.33 31.51
C GLN A 249 -3.43 16.39 30.40
N VAL A 250 -4.51 17.16 30.31
CA VAL A 250 -4.58 18.18 29.24
C VAL A 250 -3.51 19.23 29.44
N ASP A 251 -3.12 19.44 30.70
CA ASP A 251 -2.00 20.32 31.01
C ASP A 251 -0.70 19.54 30.93
N PRO A 252 0.17 19.94 29.99
CA PRO A 252 1.43 19.24 29.69
C PRO A 252 2.39 19.15 30.89
N LYS A 253 2.35 20.12 31.79
CA LYS A 253 3.33 20.14 32.86
C LYS A 253 2.91 19.16 33.97
N LYS A 254 1.62 18.83 33.98
CA LYS A 254 1.04 17.85 34.90
C LYS A 254 1.15 16.41 34.40
N ARG A 255 1.53 16.22 33.14
CA ARG A 255 1.56 14.91 32.47
C ARG A 255 2.69 14.06 33.03
N ILE A 256 2.51 12.75 33.16
CA ILE A 256 3.60 11.92 33.70
C ILE A 256 4.87 11.96 32.80
N SER A 257 6.03 11.89 33.43
CA SER A 257 7.31 11.99 32.75
C SER A 257 7.73 10.64 32.23
N MET A 258 8.58 10.62 31.22
CA MET A 258 9.04 9.35 30.67
C MET A 258 9.76 8.55 31.74
N LYS A 259 10.51 9.26 32.60
CA LYS A 259 11.24 8.64 33.71
C LYS A 259 10.35 7.85 34.66
N ASN A 260 9.24 8.46 35.09
CA ASN A 260 8.30 7.80 36.01
C ASN A 260 7.44 6.73 35.35
N LEU A 261 7.35 6.82 34.02
CA LEU A 261 6.58 5.86 33.23
C LEU A 261 7.31 4.53 33.15
N LEU A 262 8.62 4.63 32.99
CA LEU A 262 9.50 3.48 32.80
C LEU A 262 9.44 2.45 33.93
N ASN A 263 9.18 2.94 35.15
CA ASN A 263 9.10 2.08 36.33
C ASN A 263 7.78 2.21 37.09
N HIS A 264 6.81 2.86 36.46
CA HIS A 264 5.46 3.00 36.98
C HIS A 264 4.88 1.63 37.41
N PRO A 265 4.08 1.62 38.49
CA PRO A 265 3.52 0.37 39.02
C PRO A 265 2.71 -0.47 38.04
N TRP A 266 1.84 0.14 37.25
CA TRP A 266 1.08 -0.62 36.25
C TRP A 266 2.03 -1.28 35.28
N ILE A 267 3.02 -0.51 34.82
CA ILE A 267 4.02 -0.94 33.86
C ILE A 267 4.82 -2.16 34.37
N MET A 268 5.00 -2.23 35.68
CA MET A 268 5.85 -3.25 36.29
C MET A 268 5.11 -4.39 36.95
N GLN A 269 3.79 -4.25 37.04
CA GLN A 269 2.95 -5.38 37.36
C GLN A 269 3.34 -6.56 36.46
N ASP A 270 3.59 -7.72 37.07
CA ASP A 270 3.91 -8.99 36.38
C ASP A 270 5.31 -9.12 35.84
N TYR A 271 6.12 -8.07 36.00
CA TYR A 271 7.45 -8.08 35.41
C TYR A 271 8.47 -7.85 36.48
N ASN A 272 8.22 -6.81 37.28
CA ASN A 272 9.02 -6.44 38.45
C ASN A 272 10.41 -5.90 38.05
N TYR A 273 10.55 -5.55 36.77
CA TYR A 273 11.67 -4.72 36.32
C TYR A 273 11.14 -3.64 35.41
N PRO A 274 11.76 -2.45 35.46
CA PRO A 274 11.34 -1.32 34.63
C PRO A 274 11.53 -1.65 33.15
N VAL A 275 10.96 -0.82 32.28
CA VAL A 275 11.10 -1.06 30.86
C VAL A 275 12.57 -0.85 30.45
N GLU A 276 13.17 -1.86 29.85
CA GLU A 276 14.52 -1.72 29.32
C GLU A 276 14.50 -1.06 27.92
N TRP A 277 14.67 0.24 27.91
CA TRP A 277 14.51 1.05 26.71
C TRP A 277 15.83 1.24 25.94
N GLN A 278 16.95 1.09 26.65
CA GLN A 278 18.28 1.29 26.05
C GLN A 278 18.45 0.35 24.86
N SER A 279 19.10 0.86 23.82
CA SER A 279 19.25 0.11 22.59
C SER A 279 20.14 -1.14 22.74
N LYS A 280 19.68 -2.23 22.14
CA LYS A 280 20.48 -3.45 22.06
C LYS A 280 21.14 -3.55 20.68
N ASN A 281 20.96 -2.52 19.84
CA ASN A 281 21.52 -2.52 18.49
C ASN A 281 22.47 -1.33 18.32
N PRO A 282 23.79 -1.60 18.40
CA PRO A 282 24.85 -0.59 18.51
C PRO A 282 25.31 0.05 17.19
N PHE A 283 25.79 1.28 17.30
CA PHE A 283 26.57 1.90 16.23
C PHE A 283 28.06 1.56 16.38
N ILE A 284 28.54 1.40 17.62
CA ILE A 284 29.97 1.24 17.86
C ILE A 284 30.44 -0.21 17.90
N HIS A 285 29.80 -1.05 18.70
CA HIS A 285 30.21 -2.44 18.72
C HIS A 285 29.82 -3.15 17.43
N LEU A 286 30.82 -3.71 16.76
CA LEU A 286 30.61 -4.51 15.58
C LEU A 286 30.75 -5.98 15.97
N ASP A 287 30.01 -6.85 15.31
CA ASP A 287 30.07 -8.28 15.63
C ASP A 287 31.22 -8.98 14.87
N ASP A 288 32.02 -9.76 15.58
CA ASP A 288 33.27 -10.28 15.01
C ASP A 288 33.02 -11.27 13.86
N ASP A 289 32.04 -12.15 14.02
CA ASP A 289 31.64 -13.11 12.96
C ASP A 289 31.25 -12.43 11.65
N CYS A 290 30.45 -11.38 11.78
CA CYS A 290 29.95 -10.66 10.64
C CYS A 290 31.10 -9.97 9.92
N VAL A 291 31.93 -9.29 10.71
CA VAL A 291 33.10 -8.62 10.16
C VAL A 291 34.02 -9.62 9.47
N THR A 292 34.20 -10.78 10.09
CA THR A 292 35.06 -11.84 9.55
C THR A 292 34.53 -12.29 8.19
N GLU A 293 33.23 -12.48 8.10
CA GLU A 293 32.58 -12.91 6.87
C GLU A 293 32.68 -11.84 5.79
N LEU A 294 32.59 -10.59 6.19
CA LEU A 294 32.68 -9.47 5.26
C LEU A 294 34.14 -9.31 4.78
N SER A 295 35.09 -9.58 5.67
CA SER A 295 36.50 -9.52 5.32
C SER A 295 36.80 -10.56 4.27
N VAL A 296 36.38 -11.80 4.50
CA VAL A 296 36.53 -12.86 3.51
C VAL A 296 35.99 -12.44 2.14
N HIS A 297 34.81 -11.81 2.13
CA HIS A 297 34.12 -11.43 0.90
C HIS A 297 34.74 -10.24 0.15
N HIS A 298 35.06 -9.16 0.86
CA HIS A 298 35.65 -7.97 0.23
C HIS A 298 37.18 -8.02 0.11
N ARG A 299 37.77 -9.14 0.50
CA ARG A 299 39.23 -9.32 0.43
C ARG A 299 40.02 -8.25 1.22
N ASN A 300 39.64 -8.06 2.47
CA ASN A 300 40.30 -7.16 3.41
C ASN A 300 40.74 -7.90 4.65
N ASN A 301 41.44 -7.17 5.53
CA ASN A 301 41.71 -7.64 6.87
C ASN A 301 40.79 -6.90 7.83
N ARG A 302 40.78 -7.35 9.08
CA ARG A 302 39.81 -6.92 10.09
C ARG A 302 39.73 -5.40 10.30
N GLN A 303 40.86 -4.75 10.54
CA GLN A 303 40.85 -3.32 10.86
C GLN A 303 40.35 -2.48 9.69
N THR A 304 40.70 -2.88 8.47
CA THR A 304 40.24 -2.21 7.26
C THR A 304 38.73 -2.34 7.07
N MET A 305 38.24 -3.58 7.19
CA MET A 305 36.82 -3.90 7.02
C MET A 305 35.96 -3.17 8.04
N GLU A 306 36.38 -3.23 9.30
CA GLU A 306 35.69 -2.55 10.38
C GLU A 306 35.66 -1.04 10.20
N ASP A 307 36.72 -0.46 9.65
CA ASP A 307 36.78 0.98 9.45
C ASP A 307 35.67 1.45 8.50
N LEU A 308 35.45 0.69 7.42
CA LEU A 308 34.43 0.97 6.40
C LEU A 308 32.97 0.81 6.91
N ILE A 309 32.75 -0.20 7.76
CA ILE A 309 31.45 -0.50 8.32
C ILE A 309 31.00 0.62 9.26
N SER A 310 31.97 1.18 9.97
CA SER A 310 31.71 2.17 11.01
C SER A 310 31.41 3.55 10.44
N LEU A 311 31.55 3.71 9.13
CA LEU A 311 31.20 4.97 8.47
C LEU A 311 29.70 5.11 8.25
N TRP A 312 28.96 4.01 8.38
CA TRP A 312 27.49 3.95 8.25
C TRP A 312 26.91 4.85 7.18
N GLN A 313 27.18 4.49 5.93
CA GLN A 313 26.73 5.30 4.82
C GLN A 313 25.36 4.86 4.34
N TYR A 314 24.93 3.71 4.86
CA TYR A 314 23.65 3.10 4.47
C TYR A 314 23.70 2.81 2.97
N ASP A 315 24.89 2.38 2.55
CA ASP A 315 25.10 1.80 1.23
C ASP A 315 24.89 0.29 1.32
N HIS A 316 25.33 -0.45 0.31
CA HIS A 316 25.13 -1.88 0.32
C HIS A 316 25.90 -2.55 1.46
N LEU A 317 27.04 -1.97 1.83
CA LEU A 317 27.83 -2.49 2.94
C LEU A 317 27.07 -2.38 4.27
N THR A 318 26.41 -1.25 4.50
CA THR A 318 25.61 -1.11 5.71
C THR A 318 24.47 -2.12 5.72
N ALA A 319 23.84 -2.27 4.56
CA ALA A 319 22.74 -3.21 4.41
C ALA A 319 23.22 -4.63 4.71
N THR A 320 24.35 -5.00 4.10
CA THR A 320 24.89 -6.35 4.22
C THR A 320 25.36 -6.67 5.65
N TYR A 321 26.03 -5.73 6.29
CA TYR A 321 26.41 -5.95 7.69
C TYR A 321 25.18 -6.16 8.57
N LEU A 322 24.21 -5.25 8.47
CA LEU A 322 23.06 -5.31 9.36
C LEU A 322 22.21 -6.54 9.10
N LEU A 323 22.18 -7.01 7.85
CA LEU A 323 21.37 -8.18 7.54
C LEU A 323 22.10 -9.46 7.90
N LEU A 324 23.42 -9.39 7.93
CA LEU A 324 24.22 -10.50 8.42
C LEU A 324 24.08 -10.60 9.95
N LEU A 325 24.11 -9.45 10.62
CA LEU A 325 23.87 -9.38 12.06
C LEU A 325 22.50 -9.98 12.41
N ALA A 326 21.50 -9.65 11.62
CA ALA A 326 20.15 -10.18 11.80
C ALA A 326 20.05 -11.67 11.50
N LYS A 327 20.84 -12.13 10.53
CA LYS A 327 20.86 -13.55 10.18
C LYS A 327 21.41 -14.36 11.36
N LYS A 328 22.45 -13.82 12.00
CA LYS A 328 23.02 -14.47 13.17
C LYS A 328 22.06 -14.49 14.36
N ALA A 329 21.38 -13.37 14.61
CA ALA A 329 20.42 -13.28 15.71
C ALA A 329 19.32 -14.31 15.54
N ARG A 330 19.00 -14.58 14.28
CA ARG A 330 17.99 -15.58 13.93
C ARG A 330 18.56 -16.98 14.18
N GLY A 331 19.87 -17.05 14.41
CA GLY A 331 20.53 -18.31 14.67
C GLY A 331 20.79 -19.14 13.43
N LYS A 332 20.70 -18.49 12.27
CA LYS A 332 20.99 -19.11 10.98
C LYS A 332 22.47 -18.96 10.63
N PRO A 333 22.99 -19.76 9.68
CA PRO A 333 24.42 -19.63 9.34
C PRO A 333 24.85 -18.24 8.87
N VAL A 334 25.97 -17.75 9.39
CA VAL A 334 26.57 -16.50 8.95
C VAL A 334 27.29 -16.70 7.62
N ARG A 335 26.53 -16.76 6.53
CA ARG A 335 27.12 -17.09 5.23
C ARG A 335 26.53 -16.23 4.12
N LEU A 336 27.41 -15.63 3.32
CA LEU A 336 27.00 -14.91 2.13
C LEU A 336 27.05 -15.80 0.86
N ARG A 337 26.21 -15.47 -0.12
CA ARG A 337 26.14 -16.25 -1.36
C ARG A 337 27.44 -16.15 -2.16
N GLY B 1 -4.93 11.64 8.40
CA GLY B 1 -5.79 12.63 9.01
C GLY B 1 -6.77 12.03 10.02
N SER B 2 -7.15 12.81 11.02
CA SER B 2 -8.25 12.51 11.92
C SER B 2 -8.05 11.35 12.89
N GLY B 3 -7.87 10.17 12.38
CA GLY B 3 -7.58 8.96 13.13
C GLY B 3 -8.81 8.36 13.80
N SER B 4 -9.98 8.92 13.47
CA SER B 4 -11.27 8.48 14.01
C SER B 4 -11.63 7.03 13.70
N MET B 5 -12.15 6.31 14.67
CA MET B 5 -12.64 4.96 14.44
C MET B 5 -14.16 4.95 14.23
N LYS B 6 -14.82 6.03 14.61
CA LYS B 6 -16.25 6.14 14.35
C LYS B 6 -16.53 6.35 12.85
N ASP B 7 -15.55 6.88 12.12
CA ASP B 7 -15.67 6.99 10.67
C ASP B 7 -15.99 5.66 9.99
N TYR B 8 -15.59 4.56 10.62
CA TYR B 8 -15.76 3.24 10.00
C TYR B 8 -17.11 2.58 10.32
N ASP B 9 -17.91 3.22 11.16
CA ASP B 9 -19.10 2.58 11.72
C ASP B 9 -20.12 2.10 10.68
N GLU B 10 -20.57 2.97 9.76
CA GLU B 10 -21.52 2.51 8.76
C GLU B 10 -20.93 1.40 7.87
N LEU B 11 -19.62 1.44 7.64
CA LEU B 11 -18.95 0.44 6.83
C LEU B 11 -19.02 -0.89 7.54
N LEU B 12 -18.81 -0.87 8.86
CA LEU B 12 -18.70 -2.10 9.64
C LEU B 12 -20.03 -2.82 9.76
N LYS B 13 -21.11 -2.13 9.42
CA LYS B 13 -22.39 -2.78 9.20
C LYS B 13 -22.27 -3.89 8.16
N TYR B 14 -21.61 -3.58 7.05
CA TYR B 14 -21.70 -4.43 5.87
C TYR B 14 -20.48 -5.27 5.62
N TYR B 15 -19.36 -4.84 6.17
CA TYR B 15 -18.08 -5.48 5.92
C TYR B 15 -17.34 -5.72 7.21
N GLU B 16 -16.60 -6.80 7.23
CA GLU B 16 -15.62 -7.06 8.27
C GLU B 16 -14.21 -6.78 7.72
N LEU B 17 -13.55 -5.74 8.24
CA LEU B 17 -12.19 -5.41 7.83
C LEU B 17 -11.15 -6.46 8.19
N HIS B 18 -10.09 -6.45 7.41
CA HIS B 18 -8.93 -7.32 7.58
C HIS B 18 -7.75 -6.40 7.32
N GLU B 19 -6.57 -6.97 7.15
CA GLU B 19 -5.36 -6.15 7.05
C GLU B 19 -5.24 -5.25 5.82
N THR B 20 -4.48 -4.17 6.00
CA THR B 20 -4.04 -3.31 4.91
C THR B 20 -3.33 -4.15 3.86
N ILE B 21 -3.62 -3.92 2.59
CA ILE B 21 -2.91 -4.61 1.50
C ILE B 21 -2.21 -3.62 0.60
N GLY B 22 -2.42 -2.34 0.88
CA GLY B 22 -1.82 -1.29 0.07
C GLY B 22 -1.66 0.04 0.80
N THR B 23 -0.43 0.56 0.77
CA THR B 23 -0.10 1.82 1.41
C THR B 23 0.58 2.79 0.43
N ALA B 27 -4.34 7.33 0.42
CA ALA B 27 -5.22 6.34 -0.21
C ALA B 27 -4.97 4.92 0.32
N LYS B 28 -5.61 4.59 1.44
CA LYS B 28 -5.38 3.30 2.10
C LYS B 28 -6.32 2.23 1.53
N VAL B 29 -5.78 1.03 1.38
CA VAL B 29 -6.57 -0.07 0.88
C VAL B 29 -6.57 -1.22 1.88
N LYS B 30 -7.74 -1.55 2.40
CA LYS B 30 -7.84 -2.72 3.27
C LYS B 30 -8.57 -3.86 2.58
N LEU B 31 -8.07 -5.09 2.80
CA LEU B 31 -8.82 -6.29 2.45
C LEU B 31 -10.04 -6.42 3.37
N ALA B 32 -11.16 -6.90 2.85
CA ALA B 32 -12.35 -7.06 3.67
C ALA B 32 -13.22 -8.21 3.19
N CYS B 33 -14.09 -8.66 4.09
CA CYS B 33 -15.12 -9.63 3.79
C CYS B 33 -16.48 -8.96 3.80
N HIS B 34 -17.25 -9.17 2.74
CA HIS B 34 -18.65 -8.75 2.70
C HIS B 34 -19.48 -9.76 3.50
N ILE B 35 -20.08 -9.26 4.58
CA ILE B 35 -20.68 -10.14 5.59
C ILE B 35 -21.80 -11.03 5.00
N LEU B 36 -22.73 -10.45 4.25
CA LEU B 36 -23.84 -11.23 3.73
C LEU B 36 -23.42 -12.36 2.80
N THR B 37 -22.38 -12.15 1.99
CA THR B 37 -22.02 -13.14 0.98
C THR B 37 -20.81 -13.97 1.37
N GLY B 38 -19.96 -13.43 2.24
CA GLY B 38 -18.69 -14.06 2.57
C GLY B 38 -17.58 -13.82 1.55
N GLU B 39 -17.89 -13.08 0.49
CA GLU B 39 -16.91 -12.78 -0.53
C GLU B 39 -15.89 -11.73 -0.10
N MET B 40 -14.66 -11.89 -0.57
CA MET B 40 -13.58 -10.96 -0.25
C MET B 40 -13.54 -9.81 -1.23
N VAL B 41 -13.22 -8.64 -0.71
CA VAL B 41 -13.22 -7.42 -1.51
C VAL B 41 -12.08 -6.57 -1.06
N ALA B 42 -11.74 -5.55 -1.85
CA ALA B 42 -10.72 -4.62 -1.43
C ALA B 42 -11.38 -3.27 -1.27
N ILE B 43 -11.10 -2.63 -0.13
CA ILE B 43 -11.76 -1.38 0.19
C ILE B 43 -10.78 -0.22 0.20
N LYS B 44 -11.08 0.75 -0.66
CA LYS B 44 -10.27 1.94 -0.81
C LYS B 44 -10.79 2.99 0.16
N ILE B 45 -9.93 3.43 1.06
CA ILE B 45 -10.33 4.37 2.09
C ILE B 45 -9.72 5.75 1.82
N MET B 46 -10.60 6.71 1.56
CA MET B 46 -10.13 8.06 1.32
C MET B 46 -10.65 9.02 2.41
N ASP B 47 -9.74 9.80 3.00
CA ASP B 47 -10.11 10.82 3.99
C ASP B 47 -10.14 12.18 3.25
N LYS B 48 -11.19 12.94 3.43
CA LYS B 48 -11.51 14.02 2.54
C LYS B 48 -10.64 15.26 2.76
N ASN B 49 -9.37 15.08 2.49
CA ASN B 49 -8.40 16.19 2.52
C ASN B 49 -7.35 16.12 1.41
N LEU B 55 -10.29 14.99 -4.27
CA LEU B 55 -9.93 15.18 -5.67
C LEU B 55 -11.11 15.09 -6.61
N PRO B 56 -10.98 15.73 -7.78
CA PRO B 56 -11.94 15.43 -8.83
C PRO B 56 -11.51 14.15 -9.57
N ARG B 57 -10.30 13.67 -9.30
CA ARG B 57 -9.84 12.37 -9.80
C ARG B 57 -10.72 11.22 -9.33
N ILE B 58 -11.05 11.23 -8.05
CA ILE B 58 -11.86 10.18 -7.46
C ILE B 58 -13.24 10.22 -8.06
N LYS B 59 -13.81 11.42 -8.14
CA LYS B 59 -15.12 11.57 -8.74
C LYS B 59 -15.12 11.11 -10.20
N THR B 60 -14.01 11.33 -10.91
CA THR B 60 -13.92 10.84 -12.28
C THR B 60 -13.88 9.32 -12.32
N GLU B 61 -12.95 8.74 -11.57
CA GLU B 61 -12.87 7.29 -11.53
C GLU B 61 -14.20 6.64 -11.12
N ILE B 62 -14.80 7.15 -10.04
CA ILE B 62 -16.05 6.60 -9.51
C ILE B 62 -17.16 6.65 -10.55
N GLU B 63 -17.30 7.77 -11.25
CA GLU B 63 -18.41 7.89 -12.19
C GLU B 63 -18.21 7.02 -13.43
N ALA B 64 -16.96 6.87 -13.89
CA ALA B 64 -16.65 5.98 -15.00
C ALA B 64 -17.01 4.55 -14.64
N LEU B 65 -16.52 4.11 -13.48
CA LEU B 65 -16.76 2.77 -12.99
C LEU B 65 -18.23 2.41 -12.75
N LYS B 66 -19.08 3.41 -12.52
CA LYS B 66 -20.50 3.15 -12.38
C LYS B 66 -21.11 2.74 -13.69
N ASN B 67 -20.48 3.18 -14.77
CA ASN B 67 -21.05 2.94 -16.10
C ASN B 67 -20.35 1.82 -16.82
N LEU B 68 -19.20 1.42 -16.30
CA LEU B 68 -18.44 0.33 -16.90
C LEU B 68 -18.59 -0.96 -16.11
N ARG B 69 -18.78 -2.06 -16.83
CA ARG B 69 -18.93 -3.36 -16.21
C ARG B 69 -18.44 -4.43 -17.19
N HIS B 70 -17.36 -5.12 -16.84
CA HIS B 70 -16.62 -5.96 -17.77
C HIS B 70 -15.65 -6.91 -17.04
N GLN B 71 -15.46 -8.09 -17.61
CA GLN B 71 -14.66 -9.17 -17.04
C GLN B 71 -13.17 -8.87 -16.92
N HIS B 72 -12.75 -7.74 -17.48
CA HIS B 72 -11.35 -7.33 -17.43
C HIS B 72 -11.26 -5.92 -16.88
N ILE B 73 -12.36 -5.42 -16.38
CA ILE B 73 -12.27 -4.19 -15.62
C ILE B 73 -12.56 -4.48 -14.16
N CYS B 74 -11.65 -4.07 -13.29
CA CYS B 74 -11.81 -4.22 -11.85
C CYS B 74 -13.11 -3.55 -11.38
N GLN B 75 -14.00 -4.34 -10.78
CA GLN B 75 -15.39 -3.95 -10.54
C GLN B 75 -15.62 -3.08 -9.29
N LEU B 76 -16.39 -2.02 -9.45
CA LEU B 76 -16.85 -1.20 -8.34
C LEU B 76 -18.11 -1.87 -7.75
N TYR B 77 -18.08 -2.27 -6.48
CA TYR B 77 -19.28 -2.90 -5.89
C TYR B 77 -20.17 -1.91 -5.12
N HIS B 78 -19.55 -0.95 -4.45
CA HIS B 78 -20.19 -0.21 -3.38
C HIS B 78 -19.48 1.13 -3.14
N VAL B 79 -20.21 2.23 -3.19
CA VAL B 79 -19.63 3.49 -2.79
C VAL B 79 -20.31 4.03 -1.53
N LEU B 80 -19.51 4.20 -0.49
CA LEU B 80 -20.03 4.63 0.78
C LEU B 80 -19.38 5.96 1.12
N GLU B 81 -20.19 7.02 1.12
CA GLU B 81 -19.68 8.34 1.47
C GLU B 81 -20.16 8.70 2.86
N THR B 82 -19.22 9.18 3.66
CA THR B 82 -19.47 9.51 5.04
C THR B 82 -19.12 10.98 5.18
N ALA B 83 -19.43 11.57 6.32
CA ALA B 83 -19.13 12.98 6.55
C ALA B 83 -17.64 13.27 6.28
N ASN B 84 -16.77 12.33 6.66
CA ASN B 84 -15.33 12.55 6.57
C ASN B 84 -14.60 11.68 5.56
N LYS B 85 -15.28 10.65 5.06
CA LYS B 85 -14.61 9.66 4.27
C LYS B 85 -15.38 9.23 3.04
N ILE B 86 -14.62 8.83 2.02
CA ILE B 86 -15.18 8.11 0.88
C ILE B 86 -14.64 6.67 0.90
N PHE B 87 -15.55 5.70 0.86
CA PHE B 87 -15.16 4.30 0.73
C PHE B 87 -15.53 3.77 -0.65
N MET B 88 -14.60 3.04 -1.29
CA MET B 88 -14.88 2.35 -2.56
C MET B 88 -14.60 0.88 -2.38
N VAL B 89 -15.65 0.07 -2.50
CA VAL B 89 -15.45 -1.37 -2.42
C VAL B 89 -15.21 -1.91 -3.84
N LEU B 90 -14.07 -2.56 -3.98
CA LEU B 90 -13.56 -2.94 -5.28
C LEU B 90 -13.26 -4.42 -5.30
N GLU B 91 -13.23 -4.96 -6.51
CA GLU B 91 -12.90 -6.36 -6.72
C GLU B 91 -11.48 -6.63 -6.21
N TYR B 92 -11.33 -7.77 -5.58
CA TYR B 92 -10.08 -8.05 -4.94
C TYR B 92 -9.17 -8.81 -5.89
N CYS B 93 -7.97 -8.28 -6.11
CA CYS B 93 -7.04 -8.83 -7.09
C CYS B 93 -5.72 -9.23 -6.44
N PRO B 94 -5.68 -10.45 -5.90
CA PRO B 94 -4.53 -10.98 -5.15
C PRO B 94 -3.29 -11.22 -6.01
N GLY B 95 -3.44 -11.33 -7.33
CA GLY B 95 -2.35 -11.68 -8.21
C GLY B 95 -1.28 -10.61 -8.40
N GLY B 96 -1.56 -9.38 -8.01
CA GLY B 96 -0.59 -8.32 -8.17
C GLY B 96 -0.58 -7.61 -9.51
N GLU B 97 0.32 -6.63 -9.64
CA GLU B 97 0.52 -5.86 -10.86
C GLU B 97 1.16 -6.67 -11.98
N LEU B 98 0.67 -6.47 -13.20
CA LEU B 98 1.34 -7.01 -14.37
C LEU B 98 2.83 -6.61 -14.37
N PHE B 99 3.09 -5.38 -13.95
CA PHE B 99 4.46 -4.87 -13.79
C PHE B 99 5.37 -5.81 -12.97
N ASP B 100 4.88 -6.30 -11.84
CA ASP B 100 5.64 -7.17 -10.96
C ASP B 100 5.98 -8.47 -11.65
N TYR B 101 5.02 -8.94 -12.44
CA TYR B 101 5.11 -10.20 -13.16
C TYR B 101 6.12 -10.08 -14.32
N ILE B 102 6.18 -8.89 -14.92
CA ILE B 102 7.13 -8.60 -15.99
C ILE B 102 8.57 -8.63 -15.50
N ILE B 103 8.85 -7.87 -14.45
CA ILE B 103 10.16 -7.92 -13.79
C ILE B 103 10.57 -9.33 -13.32
N SER B 104 9.64 -10.04 -12.67
CA SER B 104 9.90 -11.38 -12.15
C SER B 104 10.21 -12.42 -13.22
N GLN B 105 9.82 -12.15 -14.47
CA GLN B 105 9.96 -13.14 -15.53
C GLN B 105 11.09 -12.80 -16.49
N ASP B 106 11.72 -11.65 -16.26
CA ASP B 106 12.62 -11.04 -17.24
C ASP B 106 11.80 -10.49 -18.41
N ARG B 107 11.33 -11.39 -19.27
CA ARG B 107 10.45 -10.99 -20.38
C ARG B 107 9.59 -12.17 -20.79
N LEU B 108 8.46 -11.87 -21.42
CA LEU B 108 7.49 -12.88 -21.77
C LEU B 108 7.69 -13.45 -23.17
N SER B 109 7.46 -14.74 -23.31
CA SER B 109 7.40 -15.36 -24.62
C SER B 109 6.25 -14.74 -25.45
N GLU B 110 6.27 -14.96 -26.76
CA GLU B 110 5.23 -14.39 -27.61
C GLU B 110 3.88 -15.02 -27.29
N GLU B 111 3.89 -16.30 -26.94
CA GLU B 111 2.68 -17.02 -26.54
C GLU B 111 2.15 -16.46 -25.22
N GLU B 112 3.04 -16.27 -24.25
CA GLU B 112 2.63 -15.70 -22.97
C GLU B 112 2.06 -14.31 -23.18
N THR B 113 2.81 -13.47 -23.89
CA THR B 113 2.39 -12.10 -24.21
C THR B 113 1.00 -12.12 -24.84
N ARG B 114 0.77 -13.02 -25.78
CA ARG B 114 -0.50 -13.04 -26.51
C ARG B 114 -1.68 -13.34 -25.60
N VAL B 115 -1.50 -14.28 -24.67
CA VAL B 115 -2.54 -14.56 -23.67
C VAL B 115 -2.96 -13.33 -22.86
N VAL B 116 -2.00 -12.60 -22.33
CA VAL B 116 -2.32 -11.42 -21.53
C VAL B 116 -2.82 -10.28 -22.42
N PHE B 117 -2.22 -10.11 -23.60
CA PHE B 117 -2.49 -8.94 -24.44
C PHE B 117 -3.88 -9.00 -25.03
N ARG B 118 -4.36 -10.19 -25.33
CA ARG B 118 -5.74 -10.33 -25.78
C ARG B 118 -6.71 -9.83 -24.71
N GLN B 119 -6.36 -10.02 -23.43
CA GLN B 119 -7.17 -9.51 -22.33
C GLN B 119 -7.08 -7.99 -22.22
N ILE B 120 -5.89 -7.42 -22.31
CA ILE B 120 -5.78 -5.98 -22.29
C ILE B 120 -6.65 -5.39 -23.42
N VAL B 121 -6.57 -5.99 -24.61
CA VAL B 121 -7.31 -5.54 -25.77
C VAL B 121 -8.83 -5.68 -25.59
N SER B 122 -9.25 -6.78 -24.96
CA SER B 122 -10.65 -6.95 -24.59
C SER B 122 -11.19 -5.74 -23.77
N ALA B 123 -10.49 -5.45 -22.68
CA ALA B 123 -10.85 -4.36 -21.79
C ALA B 123 -10.87 -3.00 -22.51
N VAL B 124 -9.81 -2.70 -23.23
CA VAL B 124 -9.70 -1.38 -23.82
C VAL B 124 -10.69 -1.17 -24.98
N ALA B 125 -11.00 -2.24 -25.71
CA ALA B 125 -12.02 -2.14 -26.77
C ALA B 125 -13.36 -1.78 -26.16
N TYR B 126 -13.70 -2.50 -25.07
CA TYR B 126 -14.95 -2.26 -24.37
C TYR B 126 -15.01 -0.84 -23.84
N VAL B 127 -13.90 -0.34 -23.31
CA VAL B 127 -13.85 1.02 -22.78
C VAL B 127 -14.22 2.00 -23.89
N HIS B 128 -13.52 1.92 -25.03
CA HIS B 128 -13.82 2.77 -26.18
C HIS B 128 -15.28 2.64 -26.67
N SER B 129 -15.80 1.42 -26.68
CA SER B 129 -17.18 1.19 -27.10
C SER B 129 -18.20 1.90 -26.21
N GLN B 130 -17.81 2.22 -24.98
CA GLN B 130 -18.71 2.96 -24.10
C GLN B 130 -18.30 4.43 -24.12
N GLY B 131 -17.51 4.80 -25.12
CA GLY B 131 -17.16 6.20 -25.33
C GLY B 131 -16.13 6.81 -24.39
N TYR B 132 -15.33 5.97 -23.75
CA TYR B 132 -14.30 6.46 -22.85
C TYR B 132 -12.89 6.20 -23.43
N ALA B 133 -11.92 6.94 -22.94
CA ALA B 133 -10.51 6.64 -23.19
C ALA B 133 -9.79 6.61 -21.85
N HIS B 134 -9.01 5.56 -21.60
CA HIS B 134 -8.37 5.39 -20.30
C HIS B 134 -7.31 6.45 -20.06
N ARG B 135 -6.46 6.67 -21.06
CA ARG B 135 -5.47 7.74 -21.07
C ARG B 135 -4.30 7.50 -20.12
N ASP B 136 -4.26 6.34 -19.49
CA ASP B 136 -3.16 6.00 -18.59
C ASP B 136 -2.88 4.50 -18.53
N LEU B 137 -2.92 3.83 -19.68
CA LEU B 137 -2.61 2.41 -19.75
C LEU B 137 -1.11 2.17 -19.53
N LYS B 138 -0.81 1.32 -18.56
CA LYS B 138 0.57 0.97 -18.23
C LYS B 138 0.47 -0.26 -17.32
N PRO B 139 1.57 -1.05 -17.18
CA PRO B 139 1.46 -2.32 -16.47
C PRO B 139 1.22 -2.19 -14.97
N GLU B 140 1.39 -1.00 -14.43
CA GLU B 140 1.14 -0.79 -13.00
C GLU B 140 -0.36 -0.74 -12.80
N ASN B 141 -1.08 -0.41 -13.87
CA ASN B 141 -2.52 -0.31 -13.76
C ASN B 141 -3.22 -1.57 -14.25
N LEU B 142 -2.50 -2.67 -14.39
CA LEU B 142 -3.17 -3.92 -14.71
C LEU B 142 -2.94 -4.95 -13.62
N LEU B 143 -4.02 -5.55 -13.12
CA LEU B 143 -3.88 -6.50 -12.01
C LEU B 143 -4.39 -7.89 -12.32
N PHE B 144 -3.77 -8.88 -11.70
CA PHE B 144 -4.25 -10.25 -11.80
C PHE B 144 -5.21 -10.58 -10.65
N ASP B 145 -6.35 -11.20 -10.98
CA ASP B 145 -7.27 -11.69 -9.96
C ASP B 145 -6.88 -13.10 -9.53
N GLU B 146 -7.76 -13.77 -8.80
CA GLU B 146 -7.46 -15.09 -8.29
C GLU B 146 -7.31 -16.11 -9.40
N TYR B 147 -8.01 -15.91 -10.50
CA TYR B 147 -7.96 -16.86 -11.61
C TYR B 147 -6.85 -16.50 -12.59
N HIS B 148 -5.95 -15.60 -12.19
CA HIS B 148 -4.94 -15.04 -13.09
C HIS B 148 -5.54 -14.35 -14.32
N LYS B 149 -6.68 -13.69 -14.15
CA LYS B 149 -7.25 -12.87 -15.23
C LYS B 149 -6.94 -11.39 -14.99
N LEU B 150 -6.64 -10.67 -16.06
CA LEU B 150 -6.26 -9.27 -15.91
C LEU B 150 -7.46 -8.33 -15.65
N LYS B 151 -7.22 -7.33 -14.80
CA LYS B 151 -8.25 -6.37 -14.45
C LYS B 151 -7.70 -4.98 -14.62
N LEU B 152 -8.40 -4.18 -15.40
CA LEU B 152 -7.99 -2.82 -15.67
C LEU B 152 -8.42 -1.93 -14.50
N ILE B 153 -7.50 -1.12 -13.99
CA ILE B 153 -7.81 -0.24 -12.88
C ILE B 153 -7.40 1.20 -13.19
N ASP B 154 -7.59 2.09 -12.20
CA ASP B 154 -7.15 3.50 -12.24
C ASP B 154 -7.81 4.37 -13.33
N PHE B 155 -9.08 4.70 -13.14
CA PHE B 155 -9.78 5.52 -14.12
C PHE B 155 -9.81 7.00 -13.75
N GLY B 156 -8.81 7.45 -13.00
CA GLY B 156 -8.77 8.83 -12.58
C GLY B 156 -8.60 9.84 -13.70
N LEU B 157 -7.91 9.45 -14.76
CA LEU B 157 -7.56 10.38 -15.84
C LEU B 157 -8.37 10.16 -17.10
N CYS B 158 -9.36 9.29 -17.01
CA CYS B 158 -10.16 8.89 -18.17
C CYS B 158 -11.06 10.05 -18.69
N ALA B 159 -11.46 9.96 -19.96
CA ALA B 159 -12.31 10.99 -20.57
C ALA B 159 -13.56 10.35 -21.18
N LYS B 160 -14.61 11.15 -21.34
CA LYS B 160 -15.88 10.67 -21.87
C LYS B 160 -15.95 10.73 -23.39
N CYS B 173 -3.06 12.87 -19.43
CA CYS B 173 -1.62 12.90 -19.19
C CYS B 173 -1.22 11.86 -18.14
N GLY B 174 -0.99 10.64 -18.58
CA GLY B 174 -0.58 9.55 -17.70
C GLY B 174 0.91 9.60 -17.37
N SER B 175 1.56 8.45 -17.37
CA SER B 175 3.01 8.40 -17.19
C SER B 175 3.69 8.52 -18.56
N LEU B 176 4.85 9.17 -18.60
CA LEU B 176 5.42 9.71 -19.84
C LEU B 176 5.84 8.63 -20.84
N ALA B 177 6.53 7.61 -20.36
CA ALA B 177 7.02 6.51 -21.18
C ALA B 177 5.92 5.80 -21.98
N TYR B 178 4.67 5.92 -21.52
CA TYR B 178 3.52 5.26 -22.13
C TYR B 178 2.64 6.22 -22.89
N ALA B 179 2.99 7.50 -22.83
CA ALA B 179 2.16 8.56 -23.42
C ALA B 179 2.43 8.75 -24.90
N ALA B 180 1.36 8.83 -25.68
CA ALA B 180 1.48 9.05 -27.12
C ALA B 180 2.04 10.42 -27.44
N PRO B 181 2.82 10.53 -28.54
CA PRO B 181 3.40 11.81 -28.92
C PRO B 181 2.34 12.88 -29.14
N GLU B 182 1.19 12.48 -29.68
CA GLU B 182 0.09 13.41 -29.94
C GLU B 182 -0.42 14.04 -28.65
N LEU B 183 -0.49 13.21 -27.61
CA LEU B 183 -1.09 13.57 -26.33
C LEU B 183 -0.30 14.59 -25.53
N ILE B 184 1.01 14.65 -25.77
CA ILE B 184 1.87 15.49 -24.93
C ILE B 184 1.71 16.97 -25.18
N GLN B 185 1.52 17.32 -26.43
CA GLN B 185 1.29 18.69 -26.81
C GLN B 185 -0.21 19.00 -26.70
N GLY B 186 -1.01 18.17 -27.37
CA GLY B 186 -2.46 18.35 -27.40
C GLY B 186 -3.03 17.62 -28.61
N GLY B 191 -7.70 10.45 -28.94
CA GLY B 191 -8.19 10.01 -27.64
C GLY B 191 -8.11 8.50 -27.52
N SER B 192 -8.87 7.80 -28.36
CA SER B 192 -8.80 6.35 -28.37
C SER B 192 -7.51 5.92 -29.06
N GLU B 193 -7.01 6.80 -29.92
CA GLU B 193 -5.80 6.53 -30.67
C GLU B 193 -4.57 6.48 -29.77
N ALA B 194 -4.61 7.27 -28.70
CA ALA B 194 -3.49 7.28 -27.75
C ALA B 194 -3.47 6.01 -26.90
N ASP B 195 -4.63 5.40 -26.70
CA ASP B 195 -4.69 4.17 -25.94
C ASP B 195 -4.01 3.07 -26.75
N VAL B 196 -4.23 3.07 -28.06
CA VAL B 196 -3.57 2.14 -28.98
C VAL B 196 -2.04 2.31 -28.96
N TRP B 197 -1.57 3.55 -28.99
CA TRP B 197 -0.15 3.80 -28.74
C TRP B 197 0.32 3.18 -27.43
N SER B 198 -0.45 3.37 -26.37
CA SER B 198 -0.03 2.90 -25.05
C SER B 198 0.00 1.40 -25.01
N MET B 199 -1.02 0.76 -25.60
CA MET B 199 -1.03 -0.69 -25.70
C MET B 199 0.17 -1.18 -26.49
N GLY B 200 0.64 -0.34 -27.41
CA GLY B 200 1.82 -0.63 -28.21
C GLY B 200 3.06 -0.65 -27.35
N ILE B 201 3.17 0.33 -26.46
CA ILE B 201 4.26 0.37 -25.49
C ILE B 201 4.17 -0.86 -24.57
N LEU B 202 2.96 -1.17 -24.11
CA LEU B 202 2.73 -2.36 -23.29
C LEU B 202 3.20 -3.66 -23.96
N LEU B 203 2.86 -3.85 -25.22
CA LEU B 203 3.23 -5.04 -25.98
C LEU B 203 4.75 -5.25 -26.09
N TYR B 204 5.47 -4.18 -26.33
CA TYR B 204 6.93 -4.21 -26.41
C TYR B 204 7.55 -4.57 -25.05
N VAL B 205 7.09 -3.91 -23.99
CA VAL B 205 7.62 -4.17 -22.66
C VAL B 205 7.38 -5.63 -22.25
N LEU B 206 6.16 -6.12 -22.48
CA LEU B 206 5.86 -7.52 -22.28
C LEU B 206 6.90 -8.43 -22.95
N MET B 207 7.23 -8.15 -24.21
CA MET B 207 8.10 -9.06 -24.96
C MET B 207 9.58 -8.74 -24.85
N CYS B 208 9.92 -7.58 -24.32
CA CYS B 208 11.32 -7.20 -24.23
C CYS B 208 11.79 -7.02 -22.78
N GLY B 209 10.89 -6.60 -21.89
CA GLY B 209 11.26 -6.44 -20.48
C GLY B 209 11.87 -5.10 -20.19
N PHE B 210 11.85 -4.23 -21.19
CA PHE B 210 12.31 -2.85 -21.07
C PHE B 210 11.52 -2.00 -22.04
N LEU B 211 11.55 -0.68 -21.86
CA LEU B 211 10.84 0.27 -22.70
C LEU B 211 11.45 0.48 -24.09
N PRO B 212 10.62 0.79 -25.09
CA PRO B 212 11.12 1.17 -26.41
C PRO B 212 11.80 2.54 -26.35
N PHE B 213 11.19 3.46 -25.59
CA PHE B 213 11.75 4.80 -25.36
C PHE B 213 12.03 5.00 -23.87
N ASP B 214 13.28 5.22 -23.52
CA ASP B 214 13.69 5.35 -22.14
C ASP B 214 15.04 6.06 -21.95
N ASP B 215 15.15 6.80 -20.85
CA ASP B 215 16.35 7.57 -20.52
C ASP B 215 16.29 8.13 -19.11
N ASP B 216 17.46 8.35 -18.53
CA ASP B 216 17.58 9.00 -17.22
C ASP B 216 17.08 10.43 -17.30
N ASN B 217 17.47 11.12 -18.36
CA ASN B 217 17.09 12.51 -18.53
C ASN B 217 15.73 12.58 -19.20
N VAL B 218 14.77 13.19 -18.51
CA VAL B 218 13.38 13.19 -18.96
C VAL B 218 13.22 14.01 -20.23
N MET B 219 14.12 14.97 -20.42
CA MET B 219 14.10 15.78 -21.63
C MET B 219 14.50 14.96 -22.86
N ALA B 220 15.47 14.06 -22.65
CA ALA B 220 15.93 13.14 -23.69
C ALA B 220 14.83 12.14 -24.06
N LEU B 221 14.11 11.65 -23.06
CA LEU B 221 13.07 10.66 -23.29
C LEU B 221 11.98 11.26 -24.17
N TYR B 222 11.66 12.52 -23.91
CA TYR B 222 10.70 13.26 -24.72
C TYR B 222 11.02 13.24 -26.21
N LYS B 223 12.28 13.50 -26.57
CA LYS B 223 12.65 13.59 -27.98
C LYS B 223 12.61 12.22 -28.66
N LYS B 224 13.04 11.19 -27.94
CA LYS B 224 13.01 9.84 -28.45
C LYS B 224 11.60 9.44 -28.90
N ILE B 225 10.62 9.72 -28.03
CA ILE B 225 9.22 9.41 -28.30
C ILE B 225 8.75 10.10 -29.57
N MET B 226 9.25 11.32 -29.78
CA MET B 226 8.84 12.14 -30.91
C MET B 226 9.44 11.67 -32.23
N ARG B 227 10.68 11.19 -32.20
CA ARG B 227 11.30 10.64 -33.39
C ARG B 227 10.59 9.34 -33.74
N GLY B 228 10.23 8.58 -32.71
CA GLY B 228 9.44 7.39 -32.90
C GLY B 228 10.25 6.16 -33.23
N LYS B 229 11.57 6.26 -33.12
CA LYS B 229 12.47 5.16 -33.45
C LYS B 229 12.88 4.38 -32.21
N TYR B 230 13.00 3.06 -32.34
CA TYR B 230 13.33 2.21 -31.21
C TYR B 230 14.07 0.94 -31.61
N ASP B 231 14.89 0.43 -30.70
CA ASP B 231 15.57 -0.84 -30.90
C ASP B 231 14.58 -1.98 -31.14
N VAL B 232 15.01 -2.98 -31.90
CA VAL B 232 14.22 -4.18 -32.15
C VAL B 232 15.07 -5.44 -31.91
N PRO B 233 14.95 -6.07 -30.73
CA PRO B 233 15.77 -7.23 -30.35
C PRO B 233 15.59 -8.47 -31.24
N LYS B 234 16.65 -9.27 -31.34
CA LYS B 234 16.74 -10.44 -32.23
C LYS B 234 15.66 -11.47 -31.99
N TRP B 235 15.13 -11.51 -30.75
CA TRP B 235 14.18 -12.55 -30.35
C TRP B 235 12.73 -12.24 -30.70
N LEU B 236 12.46 -11.03 -31.14
CA LEU B 236 11.14 -10.70 -31.65
C LEU B 236 10.91 -11.32 -33.03
N SER B 237 9.73 -11.91 -33.19
CA SER B 237 9.35 -12.47 -34.46
C SER B 237 8.94 -11.36 -35.40
N PRO B 238 9.08 -11.60 -36.71
CA PRO B 238 8.63 -10.63 -37.73
C PRO B 238 7.17 -10.22 -37.53
N SER B 239 6.33 -11.20 -37.17
CA SER B 239 4.93 -10.95 -36.87
C SER B 239 4.78 -9.90 -35.76
N SER B 240 5.49 -10.10 -34.64
CA SER B 240 5.53 -9.13 -33.56
C SER B 240 6.02 -7.75 -34.00
N ILE B 241 7.12 -7.72 -34.77
CA ILE B 241 7.72 -6.48 -35.30
C ILE B 241 6.73 -5.70 -36.15
N LEU B 242 5.98 -6.39 -37.01
CA LEU B 242 4.93 -5.77 -37.80
C LEU B 242 3.83 -5.14 -36.91
N LEU B 243 3.32 -5.89 -35.94
CA LEU B 243 2.27 -5.36 -35.06
C LEU B 243 2.75 -4.14 -34.28
N LEU B 244 3.94 -4.25 -33.72
CA LEU B 244 4.59 -3.14 -33.05
C LEU B 244 4.65 -1.86 -33.89
N GLN B 245 5.01 -1.97 -35.17
CA GLN B 245 5.12 -0.74 -35.97
C GLN B 245 3.74 -0.18 -36.29
N GLN B 246 2.75 -1.06 -36.40
CA GLN B 246 1.38 -0.62 -36.64
C GLN B 246 0.77 0.11 -35.44
N MET B 247 1.19 -0.25 -34.23
CA MET B 247 0.66 0.42 -33.05
C MET B 247 1.45 1.66 -32.68
N LEU B 248 2.76 1.63 -32.96
CA LEU B 248 3.63 2.73 -32.61
C LEU B 248 3.90 3.63 -33.81
N GLN B 249 2.83 4.07 -34.44
CA GLN B 249 2.92 5.07 -35.47
C GLN B 249 2.80 6.44 -34.81
N VAL B 250 3.85 7.25 -34.91
CA VAL B 250 3.90 8.57 -34.29
C VAL B 250 2.83 9.51 -34.85
N ASP B 251 2.40 9.24 -36.09
CA ASP B 251 1.25 9.92 -36.66
C ASP B 251 0.03 9.16 -36.17
N PRO B 252 -0.81 9.84 -35.36
CA PRO B 252 -1.97 9.23 -34.69
C PRO B 252 -2.93 8.60 -35.69
N LYS B 253 -2.94 9.17 -36.89
CA LYS B 253 -3.86 8.78 -37.95
C LYS B 253 -3.40 7.51 -38.66
N LYS B 254 -2.11 7.21 -38.53
CA LYS B 254 -1.55 5.96 -39.08
C LYS B 254 -1.65 4.77 -38.14
N ARG B 255 -2.06 4.99 -36.89
CA ARG B 255 -2.14 3.89 -35.94
C ARG B 255 -3.26 2.96 -36.32
N ILE B 256 -3.04 1.67 -36.11
CA ILE B 256 -4.03 0.64 -36.40
C ILE B 256 -5.30 0.91 -35.60
N SER B 257 -6.44 0.59 -36.18
CA SER B 257 -7.72 0.87 -35.52
C SER B 257 -8.03 -0.25 -34.56
N MET B 258 -8.92 0.01 -33.61
CA MET B 258 -9.32 -1.04 -32.68
C MET B 258 -9.94 -2.20 -33.45
N LYS B 259 -10.69 -1.88 -34.51
CA LYS B 259 -11.35 -2.92 -35.31
C LYS B 259 -10.35 -3.92 -35.89
N ASN B 260 -9.31 -3.39 -36.52
CA ASN B 260 -8.29 -4.23 -37.17
C ASN B 260 -7.41 -4.95 -36.18
N LEU B 261 -7.33 -4.40 -34.97
CA LEU B 261 -6.57 -5.00 -33.91
C LEU B 261 -7.30 -6.24 -33.43
N LEU B 262 -8.62 -6.15 -33.34
CA LEU B 262 -9.43 -7.22 -32.73
C LEU B 262 -9.23 -8.56 -33.40
N ASN B 263 -8.96 -8.55 -34.70
CA ASN B 263 -8.74 -9.79 -35.41
C ASN B 263 -7.43 -9.80 -36.18
N HIS B 264 -6.55 -8.85 -35.84
CA HIS B 264 -5.21 -8.78 -36.43
C HIS B 264 -4.54 -10.16 -36.41
N PRO B 265 -3.78 -10.47 -37.48
CA PRO B 265 -3.17 -11.78 -37.67
C PRO B 265 -2.30 -12.20 -36.50
N TRP B 266 -1.53 -11.26 -35.91
CA TRP B 266 -0.75 -11.59 -34.71
C TRP B 266 -1.69 -11.99 -33.58
N ILE B 267 -2.76 -11.22 -33.42
CA ILE B 267 -3.73 -11.40 -32.35
C ILE B 267 -4.38 -12.79 -32.39
N MET B 268 -4.48 -13.34 -33.59
CA MET B 268 -5.23 -14.58 -33.79
C MET B 268 -4.40 -15.86 -33.95
N GLN B 269 -3.08 -15.70 -34.12
CA GLN B 269 -2.16 -16.83 -34.03
C GLN B 269 -2.45 -17.61 -32.76
N ASP B 270 -2.63 -18.93 -32.89
CA ASP B 270 -2.87 -19.87 -31.77
C ASP B 270 -4.31 -19.84 -31.25
N TYR B 271 -5.15 -18.96 -31.81
CA TYR B 271 -6.50 -18.80 -31.28
C TYR B 271 -7.55 -19.02 -32.37
N ASN B 272 -7.35 -18.38 -33.51
CA ASN B 272 -8.21 -18.53 -34.69
C ASN B 272 -9.62 -17.95 -34.52
N TYR B 273 -9.85 -17.17 -33.47
CA TYR B 273 -11.04 -16.32 -33.40
C TYR B 273 -10.64 -14.95 -32.86
N PRO B 274 -11.31 -13.87 -33.31
CA PRO B 274 -10.96 -12.52 -32.86
C PRO B 274 -11.21 -12.32 -31.37
N VAL B 275 -10.68 -11.22 -30.83
CA VAL B 275 -10.84 -10.94 -29.42
C VAL B 275 -12.31 -10.67 -29.12
N GLU B 276 -12.86 -11.46 -28.21
CA GLU B 276 -14.21 -11.26 -27.73
C GLU B 276 -14.23 -10.16 -26.68
N TRP B 277 -14.48 -8.94 -27.14
CA TRP B 277 -14.36 -7.74 -26.33
C TRP B 277 -15.68 -7.38 -25.65
N GLN B 278 -16.76 -7.96 -26.16
CA GLN B 278 -18.10 -7.67 -25.67
C GLN B 278 -18.23 -8.12 -24.20
N SER B 279 -18.89 -7.28 -23.40
CA SER B 279 -19.01 -7.52 -21.96
C SER B 279 -19.86 -8.74 -21.62
N LYS B 280 -19.41 -9.53 -20.64
CA LYS B 280 -20.14 -10.67 -20.12
C LYS B 280 -20.92 -10.31 -18.86
N ASN B 281 -20.86 -9.04 -18.49
CA ASN B 281 -21.49 -8.60 -17.26
C ASN B 281 -22.47 -7.46 -17.46
N PRO B 282 -23.77 -7.79 -17.53
CA PRO B 282 -24.81 -6.83 -17.91
C PRO B 282 -25.32 -5.91 -16.79
N PHE B 283 -25.79 -4.73 -17.19
CA PHE B 283 -26.62 -3.88 -16.33
C PHE B 283 -28.09 -4.28 -16.41
N ILE B 284 -28.51 -4.83 -17.54
CA ILE B 284 -29.94 -5.10 -17.77
C ILE B 284 -30.40 -6.50 -17.33
N HIS B 285 -29.74 -7.54 -17.81
CA HIS B 285 -30.12 -8.89 -17.41
C HIS B 285 -29.75 -9.21 -15.94
N LEU B 286 -30.75 -9.65 -15.19
CA LEU B 286 -30.51 -10.12 -13.84
C LEU B 286 -30.54 -11.64 -13.78
N ASP B 287 -29.75 -12.20 -12.89
CA ASP B 287 -29.70 -13.64 -12.71
C ASP B 287 -30.79 -14.07 -11.72
N ASP B 288 -31.57 -15.07 -12.11
CA ASP B 288 -32.76 -15.47 -11.37
C ASP B 288 -32.48 -16.09 -10.01
N ASP B 289 -31.45 -16.91 -9.95
CA ASP B 289 -31.03 -17.50 -8.68
C ASP B 289 -30.72 -16.40 -7.67
N CYS B 290 -29.96 -15.40 -8.11
CA CYS B 290 -29.56 -14.29 -7.24
C CYS B 290 -30.72 -13.42 -6.81
N VAL B 291 -31.56 -13.06 -7.78
CA VAL B 291 -32.75 -12.27 -7.48
C VAL B 291 -33.60 -13.04 -6.48
N THR B 292 -33.69 -14.35 -6.66
CA THR B 292 -34.43 -15.22 -5.75
C THR B 292 -33.91 -15.15 -4.32
N GLU B 293 -32.60 -15.26 -4.15
CA GLU B 293 -32.00 -15.23 -2.84
C GLU B 293 -32.15 -13.85 -2.19
N LEU B 294 -32.09 -12.81 -3.02
CA LEU B 294 -32.23 -11.45 -2.51
C LEU B 294 -33.68 -11.15 -2.12
N SER B 295 -34.63 -11.68 -2.88
CA SER B 295 -36.05 -11.50 -2.60
C SER B 295 -36.46 -12.15 -1.30
N VAL B 296 -36.15 -13.43 -1.19
CA VAL B 296 -36.33 -14.22 0.01
C VAL B 296 -35.75 -13.56 1.27
N HIS B 297 -34.54 -13.03 1.15
CA HIS B 297 -33.80 -12.46 2.26
C HIS B 297 -34.36 -11.11 2.72
N HIS B 298 -34.68 -10.25 1.76
CA HIS B 298 -35.24 -8.94 2.08
C HIS B 298 -36.75 -9.00 2.25
N ARG B 299 -37.31 -10.20 2.19
CA ARG B 299 -38.75 -10.44 2.34
C ARG B 299 -39.59 -9.67 1.31
N ASN B 300 -39.20 -9.73 0.03
CA ASN B 300 -39.95 -9.11 -1.07
C ASN B 300 -40.29 -10.15 -2.13
N ASN B 301 -41.05 -9.75 -3.15
CA ASN B 301 -41.19 -10.60 -4.32
C ASN B 301 -40.39 -10.02 -5.49
N ARG B 302 -40.24 -10.79 -6.56
CA ARG B 302 -39.28 -10.50 -7.64
C ARG B 302 -39.33 -9.10 -8.25
N GLN B 303 -40.53 -8.67 -8.62
CA GLN B 303 -40.67 -7.41 -9.33
C GLN B 303 -40.17 -6.24 -8.50
N THR B 304 -40.39 -6.32 -7.18
CA THR B 304 -39.90 -5.31 -6.27
C THR B 304 -38.37 -5.30 -6.23
N MET B 305 -37.77 -6.48 -6.08
CA MET B 305 -36.32 -6.64 -6.05
C MET B 305 -35.66 -6.24 -7.35
N GLU B 306 -36.19 -6.74 -8.45
CA GLU B 306 -35.62 -6.49 -9.76
C GLU B 306 -35.63 -5.00 -10.11
N ASP B 307 -36.65 -4.31 -9.65
CA ASP B 307 -36.71 -2.87 -9.87
C ASP B 307 -35.62 -2.18 -9.06
N LEU B 308 -35.47 -2.60 -7.80
CA LEU B 308 -34.49 -2.02 -6.89
C LEU B 308 -33.06 -2.27 -7.31
N ILE B 309 -32.82 -3.47 -7.86
CA ILE B 309 -31.50 -3.86 -8.30
C ILE B 309 -31.06 -3.03 -9.51
N SER B 310 -32.02 -2.79 -10.40
CA SER B 310 -31.76 -2.15 -11.68
C SER B 310 -31.58 -0.63 -11.57
N LEU B 311 -31.75 -0.09 -10.37
CA LEU B 311 -31.44 1.31 -10.11
C LEU B 311 -29.93 1.55 -9.94
N TRP B 312 -29.18 0.47 -9.71
CA TRP B 312 -27.72 0.50 -9.58
C TRP B 312 -27.20 1.74 -8.90
N GLN B 313 -27.52 1.90 -7.63
CA GLN B 313 -27.10 3.10 -6.90
C GLN B 313 -25.73 2.86 -6.31
N TYR B 314 -25.29 1.61 -6.40
CA TYR B 314 -24.01 1.18 -5.84
C TYR B 314 -24.02 1.42 -4.35
N ASP B 315 -25.18 1.12 -3.76
CA ASP B 315 -25.34 1.04 -2.32
C ASP B 315 -25.07 -0.42 -1.94
N HIS B 316 -25.45 -0.81 -0.73
CA HIS B 316 -25.17 -2.17 -0.28
C HIS B 316 -25.92 -3.23 -1.10
N LEU B 317 -27.06 -2.86 -1.66
CA LEU B 317 -27.81 -3.78 -2.51
C LEU B 317 -27.02 -4.14 -3.77
N THR B 318 -26.34 -3.15 -4.35
CA THR B 318 -25.53 -3.40 -5.52
C THR B 318 -24.42 -4.39 -5.27
N ALA B 319 -23.74 -4.19 -4.15
CA ALA B 319 -22.65 -5.07 -3.76
C ALA B 319 -23.12 -6.51 -3.57
N THR B 320 -24.23 -6.68 -2.85
CA THR B 320 -24.74 -7.99 -2.50
C THR B 320 -25.17 -8.72 -3.76
N TYR B 321 -25.80 -8.02 -4.69
CA TYR B 321 -26.13 -8.66 -5.97
C TYR B 321 -24.87 -9.10 -6.73
N LEU B 322 -23.93 -8.19 -6.93
CA LEU B 322 -22.76 -8.51 -7.74
C LEU B 322 -21.87 -9.55 -7.07
N LEU B 323 -21.85 -9.57 -5.72
CA LEU B 323 -21.00 -10.50 -4.97
C LEU B 323 -21.66 -11.84 -4.87
N LEU B 324 -22.99 -11.83 -4.90
CA LEU B 324 -23.72 -13.06 -4.98
C LEU B 324 -23.57 -13.65 -6.38
N LEU B 325 -23.67 -12.80 -7.40
CA LEU B 325 -23.43 -13.22 -8.77
C LEU B 325 -22.00 -13.75 -8.84
N ALA B 326 -21.05 -13.05 -8.21
CA ALA B 326 -19.67 -13.55 -8.22
C ALA B 326 -19.52 -14.86 -7.43
N LYS B 327 -20.28 -15.02 -6.35
CA LYS B 327 -20.29 -16.26 -5.59
C LYS B 327 -20.84 -17.45 -6.41
N LYS B 328 -21.92 -17.22 -7.13
CA LYS B 328 -22.49 -18.26 -7.96
C LYS B 328 -21.50 -18.72 -9.02
N ALA B 329 -20.82 -17.77 -9.66
CA ALA B 329 -19.85 -18.07 -10.70
C ALA B 329 -18.75 -18.98 -10.17
N ARG B 330 -18.41 -18.83 -8.90
CA ARG B 330 -17.40 -19.69 -8.28
C ARG B 330 -17.91 -21.09 -7.95
N GLY B 331 -19.22 -21.30 -8.09
CA GLY B 331 -19.83 -22.58 -7.77
C GLY B 331 -20.12 -22.79 -6.30
N LYS B 332 -20.17 -21.68 -5.55
CA LYS B 332 -20.56 -21.73 -4.16
C LYS B 332 -22.08 -21.60 -4.09
N PRO B 333 -22.69 -22.00 -2.96
CA PRO B 333 -24.14 -21.87 -2.80
C PRO B 333 -24.62 -20.42 -2.95
N VAL B 334 -25.71 -20.24 -3.68
CA VAL B 334 -26.34 -18.93 -3.82
C VAL B 334 -27.11 -18.63 -2.53
N ARG B 335 -26.36 -18.26 -1.50
CA ARG B 335 -26.91 -18.10 -0.16
C ARG B 335 -26.34 -16.90 0.55
N LEU B 336 -27.22 -16.07 1.11
CA LEU B 336 -26.78 -14.97 1.96
C LEU B 336 -26.78 -15.44 3.42
N ARG B 337 -25.93 -14.82 4.22
CA ARG B 337 -25.71 -15.23 5.60
C ARG B 337 -26.96 -15.09 6.49
N LEU B 338 -27.24 -16.11 7.29
CA LEU B 338 -28.35 -16.05 8.23
C LEU B 338 -28.01 -15.15 9.40
N SER B 339 -28.86 -14.16 9.62
CA SER B 339 -28.57 -13.11 10.58
C SER B 339 -29.74 -12.91 11.52
#